data_4TT9
#
_entry.id   4TT9
#
_cell.length_a   51.300
_cell.length_b   27.820
_cell.length_c   104.440
_cell.angle_alpha   90.00
_cell.angle_beta   90.03
_cell.angle_gamma   90.00
#
_symmetry.space_group_name_H-M   'P 1 21 1'
#
loop_
_entity.id
_entity.type
_entity.pdbx_description
1 polymer 'Surface presentation of antigens protein SpaO'
2 non-polymer 1,2-ETHANEDIOL
3 water water
#
_entity_poly.entity_id   1
_entity_poly.type   'polypeptide(L)'
_entity_poly.pdbx_seq_one_letter_code
;ESEHTEVSLALFNYDDINVKVDFILLEKNMTINELKMYVENELFKFPDDIVKHVNIKVNGSLVGHGELVSIEDGYGIEIS
SWMVKE
;
_entity_poly.pdbx_strand_id   A,B,C,D
#
loop_
_chem_comp.id
_chem_comp.type
_chem_comp.name
_chem_comp.formula
EDO non-polymer 1,2-ETHANEDIOL 'C2 H6 O2'
#
# COMPACT_ATOMS: atom_id res chain seq x y z
N TYR A 14 8.16 -43.27 0.17
CA TYR A 14 8.26 -42.09 -0.68
C TYR A 14 7.30 -41.00 -0.23
N ASP A 15 6.13 -41.39 0.22
CA ASP A 15 5.17 -40.42 0.74
C ASP A 15 5.59 -40.06 2.17
N ASP A 16 6.77 -40.53 2.55
CA ASP A 16 7.32 -40.25 3.86
C ASP A 16 8.21 -39.01 3.80
N ILE A 17 8.66 -38.68 2.60
CA ILE A 17 9.62 -37.59 2.38
C ILE A 17 8.96 -36.22 2.37
N ASN A 18 9.76 -35.16 2.35
CA ASN A 18 9.20 -33.82 2.33
C ASN A 18 9.45 -33.06 1.03
N VAL A 19 8.45 -32.28 0.60
CA VAL A 19 8.59 -31.43 -0.58
C VAL A 19 8.16 -30.01 -0.24
N LYS A 20 8.46 -29.07 -1.12
CA LYS A 20 8.13 -27.67 -0.91
C LYS A 20 6.99 -27.30 -1.85
N VAL A 21 5.89 -26.79 -1.30
CA VAL A 21 4.76 -26.38 -2.13
C VAL A 21 4.70 -24.87 -2.25
N ASP A 22 4.83 -24.36 -3.48
CA ASP A 22 4.96 -22.94 -3.73
C ASP A 22 3.65 -22.38 -4.27
N PHE A 23 3.05 -21.43 -3.55
CA PHE A 23 1.91 -20.71 -4.05
C PHE A 23 2.41 -19.43 -4.69
N ILE A 24 2.50 -19.45 -6.02
CA ILE A 24 3.14 -18.37 -6.76
C ILE A 24 2.10 -17.43 -7.34
N LEU A 25 2.03 -16.23 -6.77
CA LEU A 25 1.14 -15.20 -7.26
C LEU A 25 1.38 -14.92 -8.73
N LEU A 26 2.61 -14.57 -9.06
CA LEU A 26 2.97 -14.26 -10.44
C LEU A 26 4.40 -14.60 -10.78
N GLU A 27 4.60 -15.04 -12.01
CA GLU A 27 5.92 -15.15 -12.61
C GLU A 27 5.94 -14.32 -13.88
N LYS A 28 6.99 -13.53 -14.03
CA LYS A 28 7.10 -12.60 -15.14
C LYS A 28 8.56 -12.57 -15.57
N ASN A 29 8.80 -12.51 -16.88
CA ASN A 29 10.16 -12.39 -17.41
C ASN A 29 10.45 -10.94 -17.75
N MET A 30 11.65 -10.48 -17.42
CA MET A 30 12.01 -9.08 -17.59
C MET A 30 13.53 -8.94 -17.45
N THR A 31 14.13 -8.01 -18.19
CA THR A 31 15.59 -7.84 -18.18
C THR A 31 16.10 -7.44 -16.81
N ILE A 32 17.41 -7.55 -16.61
CA ILE A 32 18.03 -7.07 -15.38
C ILE A 32 17.80 -5.57 -15.32
N ASN A 33 17.77 -4.96 -16.50
CA ASN A 33 17.52 -3.55 -16.63
C ASN A 33 16.10 -3.21 -16.25
N GLU A 34 15.13 -3.95 -16.79
CA GLU A 34 13.71 -3.74 -16.48
C GLU A 34 13.45 -3.91 -14.99
N LEU A 35 13.88 -5.05 -14.46
CA LEU A 35 13.78 -5.34 -13.03
C LEU A 35 14.29 -4.17 -12.21
N LYS A 36 15.41 -3.61 -12.63
CA LYS A 36 16.06 -2.54 -11.89
C LYS A 36 15.23 -1.25 -11.88
N MET A 37 14.44 -1.02 -12.92
CA MET A 37 13.55 0.15 -12.94
C MET A 37 12.49 -0.02 -11.87
N TYR A 38 11.96 -1.23 -11.77
CA TYR A 38 10.94 -1.55 -10.78
C TYR A 38 11.48 -1.32 -9.37
N VAL A 39 12.73 -1.71 -9.14
CA VAL A 39 13.34 -1.53 -7.82
C VAL A 39 13.51 -0.03 -7.50
N GLU A 40 13.72 0.78 -8.53
CA GLU A 40 13.85 2.22 -8.36
C GLU A 40 12.50 2.84 -8.04
N ASN A 41 11.45 2.34 -8.67
CA ASN A 41 10.13 2.90 -8.48
C ASN A 41 9.40 2.28 -7.30
N GLU A 42 10.13 1.49 -6.50
CA GLU A 42 9.59 0.81 -5.33
C GLU A 42 8.24 0.13 -5.55
N LEU A 43 7.94 -0.19 -6.81
CA LEU A 43 6.66 -0.81 -7.15
C LEU A 43 6.77 -1.58 -8.47
N PHE A 44 6.37 -2.85 -8.46
CA PHE A 44 6.14 -3.60 -9.67
C PHE A 44 4.71 -3.35 -10.12
N LYS A 45 4.53 -2.97 -11.38
CA LYS A 45 3.19 -2.62 -11.87
C LYS A 45 2.61 -3.59 -12.91
N PHE A 46 1.52 -4.23 -12.52
CA PHE A 46 0.90 -5.25 -13.35
C PHE A 46 -0.59 -5.02 -13.55
N PRO A 47 -1.06 -5.15 -14.80
CA PRO A 47 -2.46 -4.98 -15.20
C PRO A 47 -3.42 -6.08 -14.71
N ASP A 48 -3.83 -6.03 -13.44
CA ASP A 48 -4.98 -6.82 -12.94
C ASP A 48 -4.78 -8.35 -12.94
N ASP A 49 -5.83 -9.07 -12.52
CA ASP A 49 -5.99 -10.50 -12.80
C ASP A 49 -5.17 -11.49 -11.97
N ILE A 50 -3.94 -11.13 -11.62
CA ILE A 50 -2.99 -12.10 -11.05
C ILE A 50 -3.50 -12.79 -9.79
N VAL A 51 -4.56 -12.24 -9.22
CA VAL A 51 -5.21 -12.81 -8.05
C VAL A 51 -6.05 -14.02 -8.46
N LYS A 52 -6.58 -13.98 -9.68
CA LYS A 52 -7.34 -15.09 -10.22
C LYS A 52 -6.44 -16.25 -10.69
N HIS A 53 -5.23 -15.93 -11.10
CA HIS A 53 -4.38 -16.91 -11.75
C HIS A 53 -3.10 -17.22 -10.96
N VAL A 54 -3.27 -17.72 -9.75
CA VAL A 54 -2.15 -18.12 -8.93
C VAL A 54 -1.75 -19.54 -9.32
N ASN A 55 -0.45 -19.80 -9.41
CA ASN A 55 -0.03 -21.15 -9.75
C ASN A 55 0.62 -21.85 -8.56
N ILE A 56 0.40 -23.16 -8.49
CA ILE A 56 0.87 -23.94 -7.37
C ILE A 56 1.82 -25.00 -7.87
N LYS A 57 3.12 -24.71 -7.77
CA LYS A 57 4.15 -25.60 -8.27
C LYS A 57 4.81 -26.32 -7.11
N VAL A 58 5.21 -27.57 -7.34
CA VAL A 58 6.03 -28.27 -6.36
C VAL A 58 7.45 -28.35 -6.89
N ASN A 59 8.23 -27.32 -6.58
CA ASN A 59 9.61 -27.23 -7.02
C ASN A 59 9.73 -27.32 -8.53
N GLY A 60 8.82 -26.64 -9.22
CA GLY A 60 8.89 -26.55 -10.67
C GLY A 60 7.74 -27.25 -11.34
N SER A 61 7.44 -28.46 -10.87
CA SER A 61 6.30 -29.20 -11.39
C SER A 61 5.00 -28.49 -11.02
N LEU A 62 4.24 -28.10 -12.03
CA LEU A 62 2.98 -27.39 -11.80
C LEU A 62 1.82 -28.32 -11.44
N VAL A 63 1.24 -28.12 -10.27
CA VAL A 63 0.14 -28.97 -9.84
C VAL A 63 -1.20 -28.42 -10.27
N GLY A 64 -1.62 -27.35 -9.62
CA GLY A 64 -2.92 -26.79 -9.92
C GLY A 64 -2.84 -25.31 -10.18
N HIS A 65 -4.03 -24.69 -10.28
CA HIS A 65 -4.17 -23.25 -10.37
C HIS A 65 -4.70 -22.77 -9.04
N GLY A 66 -4.75 -21.45 -8.86
CA GLY A 66 -5.25 -20.89 -7.62
C GLY A 66 -5.86 -19.50 -7.75
N GLU A 67 -6.69 -19.17 -6.77
CA GLU A 67 -7.33 -17.86 -6.70
C GLU A 67 -7.25 -17.37 -5.25
N LEU A 68 -6.75 -16.16 -5.08
CA LEU A 68 -6.66 -15.57 -3.74
C LEU A 68 -7.99 -14.95 -3.43
N VAL A 69 -8.58 -15.31 -2.30
CA VAL A 69 -9.88 -14.79 -1.96
C VAL A 69 -9.83 -14.05 -0.63
N SER A 70 -10.88 -13.27 -0.36
CA SER A 70 -11.04 -12.60 0.92
C SER A 70 -11.99 -13.40 1.80
N ILE A 71 -11.49 -13.91 2.93
CA ILE A 71 -12.33 -14.69 3.83
C ILE A 71 -11.93 -14.48 5.28
N GLU A 72 -12.89 -14.68 6.18
CA GLU A 72 -12.67 -14.65 7.62
C GLU A 72 -11.78 -13.49 8.06
N ASP A 73 -12.03 -12.31 7.48
CA ASP A 73 -11.26 -11.12 7.79
C ASP A 73 -9.77 -11.27 7.46
N GLY A 74 -9.45 -12.27 6.64
CA GLY A 74 -8.09 -12.50 6.21
C GLY A 74 -8.10 -12.90 4.75
N TYR A 75 -7.15 -13.74 4.33
CA TYR A 75 -7.16 -14.25 2.97
C TYR A 75 -7.07 -15.76 2.95
N GLY A 76 -7.37 -16.33 1.80
CA GLY A 76 -7.21 -17.75 1.57
C GLY A 76 -7.01 -18.02 0.09
N ILE A 77 -6.90 -19.28 -0.28
CA ILE A 77 -6.80 -19.66 -1.70
C ILE A 77 -7.88 -20.67 -2.05
N GLU A 78 -8.47 -20.53 -3.22
CA GLU A 78 -9.43 -21.51 -3.70
C GLU A 78 -8.79 -22.27 -4.84
N ILE A 79 -8.89 -23.60 -4.81
CA ILE A 79 -8.28 -24.45 -5.83
C ILE A 79 -9.20 -24.60 -7.04
N SER A 80 -8.94 -23.81 -8.07
CA SER A 80 -9.77 -23.80 -9.26
C SER A 80 -9.45 -24.99 -10.17
N SER A 81 -8.22 -25.46 -10.09
CA SER A 81 -7.75 -26.54 -10.95
C SER A 81 -6.75 -27.39 -10.19
N TRP A 82 -6.68 -28.66 -10.53
CA TRP A 82 -5.83 -29.57 -9.81
C TRP A 82 -5.40 -30.73 -10.71
N MET A 83 -4.32 -31.41 -10.33
CA MET A 83 -3.80 -32.52 -11.12
C MET A 83 -2.82 -33.34 -10.28
N TYR B 14 25.17 -5.86 -19.96
CA TYR B 14 24.76 -7.09 -19.29
C TYR B 14 23.61 -6.84 -18.31
N ASP B 15 22.68 -5.98 -18.72
CA ASP B 15 21.47 -5.77 -17.94
C ASP B 15 20.28 -6.02 -18.83
N ASP B 16 20.54 -6.12 -20.12
CA ASP B 16 19.51 -6.47 -21.10
C ASP B 16 19.31 -7.98 -21.17
N ILE B 17 20.04 -8.70 -20.33
CA ILE B 17 19.84 -10.14 -20.18
C ILE B 17 18.51 -10.44 -19.48
N ASN B 18 17.81 -11.48 -19.93
CA ASN B 18 16.47 -11.78 -19.44
C ASN B 18 16.44 -12.78 -18.28
N VAL B 19 15.68 -12.45 -17.23
CA VAL B 19 15.59 -13.30 -16.04
C VAL B 19 14.16 -13.51 -15.52
N LYS B 20 14.02 -14.56 -14.71
CA LYS B 20 12.73 -15.06 -14.23
C LYS B 20 12.47 -14.60 -12.80
N VAL B 21 11.53 -13.67 -12.64
CA VAL B 21 11.18 -13.15 -11.32
C VAL B 21 9.88 -13.78 -10.82
N ASP B 22 9.88 -14.28 -9.59
CA ASP B 22 8.72 -14.95 -9.04
C ASP B 22 8.14 -14.11 -7.90
N PHE B 23 6.82 -14.02 -7.82
CA PHE B 23 6.18 -13.35 -6.70
C PHE B 23 5.44 -14.39 -5.89
N ILE B 24 5.99 -14.71 -4.73
CA ILE B 24 5.69 -15.93 -4.00
C ILE B 24 4.98 -15.64 -2.69
N LEU B 25 3.78 -16.17 -2.54
CA LEU B 25 2.93 -15.86 -1.40
C LEU B 25 3.26 -16.73 -0.21
N LEU B 26 3.53 -18.01 -0.48
CA LEU B 26 3.70 -18.98 0.58
C LEU B 26 4.46 -20.17 0.07
N GLU B 27 5.37 -20.69 0.89
CA GLU B 27 5.99 -21.96 0.65
C GLU B 27 5.61 -22.83 1.82
N LYS B 28 4.90 -23.93 1.53
CA LYS B 28 4.54 -24.88 2.58
C LYS B 28 5.32 -26.17 2.37
N ASN B 29 6.07 -26.57 3.39
CA ASN B 29 6.75 -27.86 3.37
C ASN B 29 5.79 -28.94 3.85
N MET B 30 5.64 -30.01 3.07
CA MET B 30 4.71 -31.09 3.44
C MET B 30 5.09 -32.41 2.77
N THR B 31 4.69 -33.52 3.36
CA THR B 31 4.92 -34.83 2.77
C THR B 31 4.04 -35.00 1.57
N ILE B 32 4.47 -35.84 0.62
CA ILE B 32 3.63 -36.17 -0.51
C ILE B 32 2.38 -36.84 0.02
N ASN B 33 2.52 -37.49 1.16
CA ASN B 33 1.37 -38.01 1.88
C ASN B 33 0.44 -36.86 2.24
N GLU B 34 0.98 -35.84 2.91
CA GLU B 34 0.21 -34.67 3.27
C GLU B 34 -0.36 -34.00 2.03
N LEU B 35 0.47 -33.89 1.00
CA LEU B 35 0.06 -33.30 -0.26
C LEU B 35 -1.18 -33.97 -0.83
N LYS B 36 -1.35 -35.25 -0.52
CA LYS B 36 -2.55 -35.95 -0.96
C LYS B 36 -3.80 -35.33 -0.33
N MET B 37 -3.63 -34.71 0.83
CA MET B 37 -4.77 -34.15 1.56
C MET B 37 -5.27 -32.83 0.98
N TYR B 38 -4.72 -32.45 -0.17
CA TYR B 38 -5.18 -31.31 -0.96
C TYR B 38 -6.09 -31.79 -2.11
N VAL B 39 -7.32 -31.28 -2.18
CA VAL B 39 -8.29 -31.71 -3.20
C VAL B 39 -8.86 -30.54 -4.02
N GLU B 40 -9.50 -30.81 -5.17
CA GLU B 40 -10.07 -29.75 -6.00
C GLU B 40 -11.26 -29.11 -5.29
N ASN B 41 -11.59 -27.86 -5.66
CA ASN B 41 -12.58 -27.06 -4.94
C ASN B 41 -12.41 -27.05 -3.41
N GLU B 42 -11.17 -27.21 -2.94
CA GLU B 42 -10.86 -27.05 -1.52
C GLU B 42 -10.55 -25.58 -1.20
N LEU B 43 -10.58 -25.23 0.08
CA LEU B 43 -10.33 -23.87 0.49
C LEU B 43 -9.42 -23.85 1.70
N PHE B 44 -8.28 -23.19 1.54
CA PHE B 44 -7.30 -23.08 2.60
C PHE B 44 -7.22 -21.66 3.10
N LYS B 45 -6.64 -21.49 4.28
CA LYS B 45 -6.66 -20.22 4.97
C LYS B 45 -5.25 -19.77 5.22
N PHE B 46 -4.84 -18.72 4.52
CA PHE B 46 -3.54 -18.11 4.77
C PHE B 46 -3.66 -17.34 6.07
N PRO B 47 -2.51 -17.00 6.68
CA PRO B 47 -2.53 -15.97 7.73
C PRO B 47 -2.90 -14.62 7.14
N ASP B 48 -3.00 -13.60 7.99
CA ASP B 48 -3.36 -12.26 7.53
C ASP B 48 -2.14 -11.44 7.08
N ASP B 49 -0.95 -11.99 7.29
CA ASP B 49 0.27 -11.35 6.84
C ASP B 49 0.65 -11.87 5.48
N ILE B 50 -0.32 -12.41 4.76
CA ILE B 50 0.02 -13.11 3.53
C ILE B 50 0.13 -12.15 2.35
N VAL B 51 -0.52 -10.99 2.46
CA VAL B 51 -0.50 -10.03 1.37
C VAL B 51 0.61 -9.01 1.60
N LYS B 52 1.14 -9.01 2.82
CA LYS B 52 2.13 -8.05 3.24
C LYS B 52 3.54 -8.63 3.31
N HIS B 53 3.65 -9.92 2.99
CA HIS B 53 4.95 -10.60 3.02
C HIS B 53 5.18 -11.47 1.78
N VAL B 54 5.01 -10.89 0.60
CA VAL B 54 5.35 -11.57 -0.64
C VAL B 54 6.86 -11.61 -0.76
N ASN B 55 7.39 -12.77 -1.13
CA ASN B 55 8.82 -12.94 -1.36
C ASN B 55 9.13 -12.78 -2.82
N ILE B 56 10.10 -11.94 -3.14
CA ILE B 56 10.43 -11.74 -4.54
C ILE B 56 11.70 -12.51 -4.86
N LYS B 57 11.60 -13.39 -5.84
CA LYS B 57 12.70 -14.26 -6.22
C LYS B 57 13.11 -13.98 -7.65
N VAL B 58 14.41 -14.02 -7.90
CA VAL B 58 14.91 -13.90 -9.26
C VAL B 58 15.71 -15.15 -9.55
N ASN B 59 15.30 -15.92 -10.56
CA ASN B 59 15.93 -17.21 -10.85
C ASN B 59 16.12 -18.10 -9.63
N GLY B 60 15.13 -18.08 -8.73
CA GLY B 60 15.16 -18.91 -7.55
C GLY B 60 15.86 -18.28 -6.36
N SER B 61 16.49 -17.12 -6.59
CA SER B 61 17.18 -16.40 -5.51
C SER B 61 16.28 -15.36 -4.83
N LEU B 62 16.26 -15.38 -3.50
CA LEU B 62 15.56 -14.37 -2.70
C LEU B 62 16.23 -13.04 -2.84
N VAL B 63 15.56 -12.08 -3.47
CA VAL B 63 16.16 -10.77 -3.64
C VAL B 63 15.40 -9.70 -2.88
N GLY B 64 14.31 -10.06 -2.22
CA GLY B 64 13.55 -9.09 -1.45
C GLY B 64 12.16 -9.54 -1.08
N HIS B 65 11.37 -8.61 -0.54
CA HIS B 65 10.02 -8.90 -0.06
C HIS B 65 9.11 -7.73 -0.37
N GLY B 66 7.87 -8.01 -0.74
CA GLY B 66 6.96 -6.94 -1.09
C GLY B 66 5.55 -7.10 -0.57
N GLU B 67 4.74 -6.07 -0.80
CA GLU B 67 3.36 -6.08 -0.33
C GLU B 67 2.44 -5.99 -1.54
N LEU B 68 1.42 -6.84 -1.59
CA LEU B 68 0.47 -6.80 -2.68
C LEU B 68 -0.54 -5.71 -2.38
N VAL B 69 -0.74 -4.83 -3.36
CA VAL B 69 -1.73 -3.77 -3.21
C VAL B 69 -2.64 -3.71 -4.43
N SER B 70 -3.89 -3.29 -4.22
CA SER B 70 -4.76 -3.02 -5.34
C SER B 70 -4.36 -1.67 -5.87
N ILE B 71 -4.43 -1.47 -7.18
CA ILE B 71 -4.22 -0.15 -7.70
C ILE B 71 -5.33 0.12 -8.69
N GLU B 72 -5.20 1.20 -9.45
CA GLU B 72 -6.23 1.48 -10.45
C GLU B 72 -6.13 0.45 -11.57
N ASP B 73 -7.22 -0.28 -11.74
CA ASP B 73 -7.34 -1.30 -12.78
C ASP B 73 -6.33 -2.43 -12.64
N GLY B 74 -5.41 -2.33 -11.69
CA GLY B 74 -4.38 -3.34 -11.56
C GLY B 74 -4.04 -3.72 -10.14
N TYR B 75 -3.10 -4.65 -10.03
CA TYR B 75 -2.48 -5.01 -8.77
C TYR B 75 -1.00 -4.74 -8.89
N GLY B 76 -0.36 -4.40 -7.78
CA GLY B 76 1.05 -4.11 -7.81
C GLY B 76 1.70 -4.70 -6.58
N ILE B 77 3.03 -4.84 -6.62
CA ILE B 77 3.78 -5.29 -5.46
C ILE B 77 4.72 -4.20 -5.02
N GLU B 78 4.32 -3.47 -3.96
CA GLU B 78 5.18 -2.44 -3.40
C GLU B 78 6.34 -3.14 -2.70
N ILE B 79 7.53 -2.58 -2.84
CA ILE B 79 8.74 -3.24 -2.32
C ILE B 79 9.09 -2.72 -0.92
N SER B 80 9.26 -3.65 0.00
CA SER B 80 9.50 -3.31 1.39
C SER B 80 10.93 -3.62 1.78
N SER B 81 11.55 -4.53 1.04
CA SER B 81 12.96 -4.85 1.23
C SER B 81 13.57 -5.43 -0.06
N TRP B 82 14.82 -5.09 -0.34
CA TRP B 82 15.48 -5.54 -1.55
C TRP B 82 16.94 -5.83 -1.24
N MET B 83 17.37 -7.05 -1.52
CA MET B 83 18.59 -7.59 -0.92
C MET B 83 19.78 -7.77 -1.85
N VAL B 84 19.93 -6.88 -2.85
CA VAL B 84 21.04 -7.02 -3.80
C VAL B 84 21.28 -5.73 -4.60
N LYS B 85 22.52 -5.50 -5.00
CA LYS B 85 22.84 -4.33 -5.83
C LYS B 85 23.98 -4.60 -6.80
N ASN C 13 -29.53 7.95 -6.46
CA ASN C 13 -29.27 9.35 -6.75
C ASN C 13 -28.58 9.95 -5.56
N TYR C 14 -28.52 9.18 -4.47
CA TYR C 14 -27.78 9.57 -3.29
C TYR C 14 -26.31 9.29 -3.54
N ASP C 15 -26.03 8.46 -4.54
CA ASP C 15 -24.66 8.17 -4.88
C ASP C 15 -24.08 9.30 -5.70
N ASP C 16 -24.95 10.00 -6.42
CA ASP C 16 -24.50 11.07 -7.29
C ASP C 16 -24.05 12.30 -6.50
N ILE C 17 -24.37 12.30 -5.20
CA ILE C 17 -24.02 13.43 -4.34
C ILE C 17 -22.52 13.64 -4.22
N ASN C 18 -22.07 14.86 -4.48
CA ASN C 18 -20.66 15.20 -4.33
C ASN C 18 -20.19 15.23 -2.88
N VAL C 19 -18.90 14.96 -2.70
CA VAL C 19 -18.24 15.07 -1.40
C VAL C 19 -16.79 15.51 -1.60
N LYS C 20 -16.20 16.07 -0.56
CA LYS C 20 -14.82 16.53 -0.56
C LYS C 20 -14.00 15.63 0.36
N VAL C 21 -13.04 14.92 -0.23
CA VAL C 21 -12.24 13.96 0.53
C VAL C 21 -10.90 14.55 0.96
N ASP C 22 -10.68 14.64 2.28
CA ASP C 22 -9.46 15.22 2.82
C ASP C 22 -8.49 14.14 3.26
N PHE C 23 -7.27 14.21 2.76
CA PHE C 23 -6.22 13.32 3.22
C PHE C 23 -5.43 14.13 4.21
N ILE C 24 -5.73 13.90 5.47
CA ILE C 24 -5.28 14.76 6.56
C ILE C 24 -4.03 14.18 7.18
N LEU C 25 -2.97 14.97 7.20
CA LEU C 25 -1.73 14.50 7.75
C LEU C 25 -1.84 14.43 9.26
N LEU C 26 -2.48 15.45 9.83
CA LEU C 26 -2.57 15.55 11.28
C LEU C 26 -3.59 16.61 11.66
N GLU C 27 -4.42 16.28 12.65
CA GLU C 27 -5.25 17.28 13.30
C GLU C 27 -4.66 17.55 14.65
N LYS C 28 -4.26 18.79 14.88
CA LYS C 28 -3.54 19.17 16.08
C LYS C 28 -4.29 20.26 16.84
N ASN C 29 -4.64 19.99 18.09
CA ASN C 29 -5.21 21.00 18.96
C ASN C 29 -4.07 21.81 19.59
N MET C 30 -4.13 23.14 19.51
CA MET C 30 -3.07 23.97 20.11
C MET C 30 -3.52 25.38 20.47
N THR C 31 -2.80 25.98 21.41
CA THR C 31 -3.04 27.35 21.82
C THR C 31 -2.59 28.32 20.72
N ILE C 32 -3.29 29.44 20.55
CA ILE C 32 -2.88 30.43 19.55
C ILE C 32 -1.49 30.95 19.86
N ASN C 33 -1.09 30.85 21.13
CA ASN C 33 0.24 31.24 21.55
C ASN C 33 1.28 30.26 21.01
N GLU C 34 0.96 28.97 21.06
CA GLU C 34 1.82 27.94 20.48
C GLU C 34 1.83 28.09 18.97
N LEU C 35 0.65 28.38 18.43
CA LEU C 35 0.51 28.58 17.01
C LEU C 35 1.40 29.72 16.58
N LYS C 36 1.35 30.82 17.33
CA LYS C 36 2.15 32.01 17.03
C LYS C 36 3.65 31.75 17.15
N MET C 37 4.05 30.89 18.08
CA MET C 37 5.46 30.54 18.24
C MET C 37 5.92 29.68 17.06
N TYR C 38 5.01 28.85 16.58
CA TYR C 38 5.27 28.00 15.43
C TYR C 38 5.42 28.84 14.17
N VAL C 39 4.68 29.94 14.11
CA VAL C 39 4.70 30.80 12.92
C VAL C 39 5.97 31.66 12.84
N GLU C 40 6.35 32.27 13.97
CA GLU C 40 7.55 33.08 14.01
C GLU C 40 8.80 32.23 13.84
N ASN C 41 8.71 30.95 14.20
CA ASN C 41 9.78 30.02 13.92
C ASN C 41 9.64 29.44 12.52
N GLU C 42 8.52 29.75 11.87
CA GLU C 42 8.23 29.27 10.52
C GLU C 42 8.30 27.75 10.38
N LEU C 43 7.99 27.03 11.45
CA LEU C 43 8.17 25.58 11.44
C LEU C 43 7.35 24.86 12.50
N PHE C 44 6.73 23.75 12.11
CA PHE C 44 6.04 22.85 13.02
C PHE C 44 6.84 21.57 13.17
N LYS C 45 6.98 21.07 14.40
CA LYS C 45 7.71 19.82 14.63
C LYS C 45 6.81 18.76 15.22
N PHE C 46 6.90 17.56 14.65
CA PHE C 46 5.95 16.47 14.91
C PHE C 46 6.64 15.12 15.09
N PRO C 47 6.08 14.26 15.94
CA PRO C 47 6.78 13.08 16.47
C PRO C 47 6.79 11.83 15.59
N ASP C 48 7.23 11.96 14.34
CA ASP C 48 7.66 10.82 13.53
C ASP C 48 6.57 9.82 13.13
N ASP C 49 5.39 9.96 13.73
CA ASP C 49 4.32 9.01 13.49
C ASP C 49 3.27 9.57 12.57
N ILE C 50 3.58 10.67 11.89
CA ILE C 50 2.55 11.32 11.09
C ILE C 50 2.30 10.66 9.74
N VAL C 51 3.36 10.22 9.07
CA VAL C 51 3.19 9.69 7.72
C VAL C 51 2.52 8.31 7.67
N LYS C 52 2.59 7.56 8.77
CA LYS C 52 1.95 6.25 8.81
C LYS C 52 0.53 6.39 9.38
N HIS C 53 0.12 7.62 9.60
CA HIS C 53 -1.20 7.90 10.16
C HIS C 53 -1.90 9.04 9.44
N VAL C 54 -1.99 8.91 8.12
CA VAL C 54 -2.83 9.79 7.31
C VAL C 54 -4.29 9.44 7.53
N ASN C 55 -5.06 10.39 8.04
CA ASN C 55 -6.48 10.16 8.19
C ASN C 55 -7.24 10.69 6.99
N ILE C 56 -8.17 9.87 6.51
CA ILE C 56 -9.01 10.26 5.39
C ILE C 56 -10.39 10.60 5.93
N LYS C 57 -10.90 11.76 5.55
CA LYS C 57 -12.12 12.30 6.14
C LYS C 57 -13.04 12.93 5.12
N VAL C 58 -14.33 12.68 5.26
CA VAL C 58 -15.35 13.44 4.54
C VAL C 58 -16.15 14.24 5.56
N ASN C 59 -16.26 15.54 5.30
CA ASN C 59 -16.98 16.47 6.17
C ASN C 59 -16.71 16.20 7.63
N GLY C 60 -15.44 16.03 7.99
CA GLY C 60 -15.07 15.85 9.37
C GLY C 60 -15.27 14.44 9.89
N SER C 61 -15.82 13.56 9.07
CA SER C 61 -16.01 12.16 9.47
C SER C 61 -14.93 11.27 8.91
N LEU C 62 -14.31 10.47 9.78
CA LEU C 62 -13.22 9.58 9.41
C LEU C 62 -13.67 8.41 8.55
N VAL C 63 -13.08 8.25 7.37
CA VAL C 63 -13.54 7.20 6.47
C VAL C 63 -12.51 6.08 6.31
N GLY C 64 -11.28 6.34 6.74
CA GLY C 64 -10.26 5.34 6.67
C GLY C 64 -8.92 5.86 7.13
N HIS C 65 -7.89 5.03 6.94
CA HIS C 65 -6.54 5.39 7.34
C HIS C 65 -5.57 4.91 6.30
N GLY C 66 -4.44 5.61 6.20
CA GLY C 66 -3.48 5.31 5.16
C GLY C 66 -2.03 5.52 5.54
N GLU C 67 -1.16 5.14 4.63
CA GLU C 67 0.27 5.27 4.81
C GLU C 67 0.84 6.07 3.66
N LEU C 68 1.57 7.15 3.97
CA LEU C 68 2.23 7.95 2.94
C LEU C 68 3.52 7.25 2.56
N VAL C 69 3.63 6.87 1.29
CA VAL C 69 4.79 6.11 0.81
C VAL C 69 5.52 6.82 -0.32
N SER C 70 6.78 6.44 -0.54
CA SER C 70 7.56 7.01 -1.62
C SER C 70 7.69 6.04 -2.79
N ILE C 71 6.70 5.99 -3.68
CA ILE C 71 6.76 5.04 -4.79
C ILE C 71 6.70 5.70 -6.16
N GLU C 72 7.14 4.95 -7.17
CA GLU C 72 7.17 5.41 -8.55
C GLU C 72 7.79 6.81 -8.62
N ASP C 73 8.95 6.97 -7.99
CA ASP C 73 9.66 8.24 -7.99
C ASP C 73 8.77 9.39 -7.51
N GLY C 74 8.64 9.51 -6.21
CA GLY C 74 7.74 10.50 -5.66
C GLY C 74 6.95 9.94 -4.51
N TYR C 75 5.66 10.30 -4.46
CA TYR C 75 4.85 10.03 -3.29
C TYR C 75 3.53 9.37 -3.65
N GLY C 76 2.97 8.63 -2.70
CA GLY C 76 1.67 8.03 -2.90
C GLY C 76 1.02 7.78 -1.56
N ILE C 77 -0.23 7.33 -1.57
CA ILE C 77 -0.93 6.94 -0.36
C ILE C 77 -1.40 5.49 -0.48
N GLU C 78 -0.99 4.64 0.46
CA GLU C 78 -1.58 3.31 0.52
C GLU C 78 -2.62 3.31 1.62
N ILE C 79 -3.81 2.81 1.30
CA ILE C 79 -4.93 2.82 2.24
C ILE C 79 -4.80 1.64 3.20
N SER C 80 -4.61 1.95 4.49
CA SER C 80 -4.40 0.92 5.49
C SER C 80 -5.71 0.25 5.91
N SER C 81 -6.63 1.05 6.44
CA SER C 81 -7.95 0.56 6.82
C SER C 81 -8.98 1.34 6.04
N TRP C 82 -10.24 1.08 6.33
CA TRP C 82 -11.29 1.76 5.63
C TRP C 82 -12.60 1.61 6.37
N MET C 83 -12.90 2.57 7.23
CA MET C 83 -14.03 2.42 8.14
C MET C 83 -15.36 2.67 7.44
N VAL C 84 -15.28 3.19 6.22
CA VAL C 84 -16.43 3.55 5.38
C VAL C 84 -17.71 4.01 6.12
N ASP D 15 -4.66 33.90 23.15
CA ASP D 15 -5.66 34.09 24.19
C ASP D 15 -5.71 32.82 25.00
N ASP D 16 -4.85 31.89 24.64
CA ASP D 16 -4.81 30.55 25.24
C ASP D 16 -6.06 29.72 24.94
N ILE D 17 -6.86 30.17 23.99
CA ILE D 17 -7.93 29.33 23.46
C ILE D 17 -7.36 28.30 22.48
N ASN D 18 -7.66 27.02 22.70
CA ASN D 18 -7.14 25.96 21.85
C ASN D 18 -7.85 25.87 20.52
N VAL D 19 -7.08 25.62 19.46
CA VAL D 19 -7.62 25.45 18.12
C VAL D 19 -7.09 24.18 17.46
N LYS D 20 -7.89 23.62 16.56
CA LYS D 20 -7.54 22.42 15.82
C LYS D 20 -6.90 22.84 14.49
N VAL D 21 -5.59 22.66 14.39
CA VAL D 21 -4.88 22.94 13.14
C VAL D 21 -4.73 21.64 12.32
N ASP D 22 -5.30 21.63 11.12
CA ASP D 22 -5.30 20.45 10.27
C ASP D 22 -4.25 20.62 9.20
N PHE D 23 -3.48 19.57 8.96
CA PHE D 23 -2.53 19.58 7.86
C PHE D 23 -2.95 18.59 6.81
N ILE D 24 -3.45 19.10 5.69
CA ILE D 24 -4.13 18.29 4.68
C ILE D 24 -3.26 18.11 3.45
N LEU D 25 -2.94 16.87 3.11
CA LEU D 25 -2.16 16.60 1.92
C LEU D 25 -2.94 16.96 0.67
N LEU D 26 -4.22 16.64 0.69
CA LEU D 26 -5.07 16.76 -0.50
C LEU D 26 -6.54 16.81 -0.12
N GLU D 27 -7.28 17.73 -0.74
CA GLU D 27 -8.74 17.72 -0.66
C GLU D 27 -9.32 17.40 -2.04
N LYS D 28 -9.74 16.16 -2.24
CA LYS D 28 -10.18 15.71 -3.57
C LYS D 28 -11.71 15.65 -3.73
N ASN D 29 -12.21 16.11 -4.88
CA ASN D 29 -13.64 16.10 -5.16
C ASN D 29 -14.11 14.86 -5.93
N MET D 30 -15.21 14.25 -5.47
CA MET D 30 -15.82 13.12 -6.17
C MET D 30 -17.23 12.87 -5.65
N THR D 31 -18.00 12.05 -6.35
CA THR D 31 -19.33 11.68 -5.90
C THR D 31 -19.22 10.74 -4.71
N ILE D 32 -20.31 10.04 -4.42
CA ILE D 32 -20.28 9.05 -3.34
C ILE D 32 -19.96 7.67 -3.92
N ASN D 33 -20.46 7.41 -5.12
CA ASN D 33 -20.10 6.21 -5.84
C ASN D 33 -18.59 6.14 -6.04
N GLU D 34 -18.02 7.23 -6.55
CA GLU D 34 -16.58 7.30 -6.79
C GLU D 34 -15.79 7.12 -5.51
N LEU D 35 -16.43 7.35 -4.37
CA LEU D 35 -15.78 7.15 -3.09
C LEU D 35 -15.98 5.72 -2.64
N LYS D 36 -17.07 5.11 -3.08
CA LYS D 36 -17.37 3.75 -2.67
C LYS D 36 -16.44 2.76 -3.34
N MET D 37 -15.72 3.20 -4.38
CA MET D 37 -14.80 2.31 -5.06
C MET D 37 -13.48 2.23 -4.31
N TYR D 38 -13.30 3.13 -3.34
CA TYR D 38 -12.17 3.08 -2.41
C TYR D 38 -12.20 1.82 -1.52
N VAL D 39 -11.08 1.08 -1.49
CA VAL D 39 -11.00 -0.19 -0.75
C VAL D 39 -9.62 -0.43 -0.06
N GLU D 40 -9.57 -1.45 0.80
CA GLU D 40 -8.38 -1.75 1.62
C GLU D 40 -7.18 -2.17 0.76
N ASN D 41 -5.99 -1.91 1.27
CA ASN D 41 -4.72 -2.11 0.57
C ASN D 41 -4.63 -1.54 -0.86
N GLU D 42 -5.38 -0.47 -1.11
CA GLU D 42 -5.30 0.24 -2.38
C GLU D 42 -4.12 1.23 -2.35
N LEU D 43 -3.49 1.45 -3.48
CA LEU D 43 -2.43 2.44 -3.53
C LEU D 43 -2.79 3.49 -4.56
N PHE D 44 -2.57 4.75 -4.18
CA PHE D 44 -2.82 5.85 -5.09
C PHE D 44 -1.56 6.65 -5.26
N LYS D 45 -1.30 7.01 -6.51
CA LYS D 45 -0.16 7.85 -6.87
C LYS D 45 -0.56 9.32 -6.74
N PHE D 46 0.13 10.04 -5.89
CA PHE D 46 -0.18 11.44 -5.67
C PHE D 46 0.45 12.29 -6.75
N PRO D 47 -0.22 13.42 -7.09
CA PRO D 47 0.39 14.47 -7.90
C PRO D 47 1.64 14.96 -7.18
N ASP D 48 2.81 14.77 -7.80
CA ASP D 48 4.11 14.90 -7.12
C ASP D 48 4.41 16.22 -6.41
N ASP D 49 5.44 16.18 -5.56
CA ASP D 49 5.77 17.28 -4.65
C ASP D 49 4.50 17.82 -4.02
N ILE D 50 3.63 16.90 -3.63
CA ILE D 50 2.36 17.22 -3.00
C ILE D 50 2.65 17.55 -1.56
N VAL D 51 3.88 17.26 -1.14
CA VAL D 51 4.30 17.47 0.24
C VAL D 51 5.03 18.80 0.34
N LYS D 52 5.08 19.50 -0.79
CA LYS D 52 5.60 20.85 -0.87
C LYS D 52 4.45 21.84 -0.74
N HIS D 53 3.23 21.32 -0.81
CA HIS D 53 2.04 22.13 -0.90
C HIS D 53 1.02 21.74 0.15
N VAL D 54 1.48 21.52 1.38
CA VAL D 54 0.61 21.11 2.47
C VAL D 54 -0.28 22.27 2.91
N ASN D 55 -1.60 22.02 2.92
CA ASN D 55 -2.59 23.04 3.29
C ASN D 55 -2.79 23.13 4.79
N ILE D 56 -2.66 24.32 5.36
CA ILE D 56 -2.88 24.47 6.79
C ILE D 56 -4.22 25.17 7.04
N LYS D 57 -5.10 24.51 7.80
CA LYS D 57 -6.41 25.06 8.13
C LYS D 57 -6.58 25.18 9.63
N VAL D 58 -7.13 26.31 10.07
CA VAL D 58 -7.54 26.49 11.46
C VAL D 58 -9.02 26.79 11.42
N ASN D 59 -9.79 26.13 12.28
CA ASN D 59 -11.27 26.24 12.30
C ASN D 59 -11.96 25.90 10.98
N GLY D 60 -11.25 25.17 10.11
CA GLY D 60 -11.76 24.83 8.80
C GLY D 60 -11.42 25.92 7.81
N SER D 61 -10.68 26.94 8.28
CA SER D 61 -10.30 28.07 7.44
C SER D 61 -8.82 28.00 7.09
N LEU D 62 -8.52 28.01 5.79
CA LEU D 62 -7.14 27.98 5.30
C LEU D 62 -6.37 29.20 5.76
N VAL D 63 -5.30 28.96 6.49
CA VAL D 63 -4.49 30.05 7.02
C VAL D 63 -3.16 30.20 6.28
N GLY D 64 -2.49 29.08 6.00
CA GLY D 64 -1.20 29.10 5.36
C GLY D 64 -0.84 27.82 4.63
N HIS D 65 0.37 27.76 4.09
CA HIS D 65 0.84 26.58 3.35
C HIS D 65 2.21 26.16 3.86
N GLY D 66 2.58 24.92 3.56
CA GLY D 66 3.86 24.42 4.02
C GLY D 66 4.42 23.34 3.13
N GLU D 67 5.61 22.89 3.47
CA GLU D 67 6.19 21.72 2.82
C GLU D 67 6.48 20.71 3.92
N LEU D 68 6.13 19.46 3.67
CA LEU D 68 6.40 18.40 4.65
C LEU D 68 7.84 17.97 4.55
N VAL D 69 8.58 18.08 5.64
CA VAL D 69 10.00 17.69 5.66
C VAL D 69 10.39 16.80 6.86
N SER D 70 11.34 15.90 6.65
CA SER D 70 11.86 15.06 7.72
C SER D 70 12.92 15.75 8.57
N ILE D 71 13.29 15.12 9.68
CA ILE D 71 14.20 15.76 10.63
C ILE D 71 15.27 14.82 11.16
N GLY D 74 12.77 12.55 12.30
CA GLY D 74 11.51 13.18 12.65
C GLY D 74 10.85 13.81 11.43
N TYR D 75 9.79 14.59 11.65
CA TYR D 75 9.13 15.31 10.56
C TYR D 75 8.67 16.72 10.92
N GLY D 76 8.68 17.61 9.94
CA GLY D 76 8.23 18.96 10.17
C GLY D 76 7.49 19.50 8.97
N ILE D 77 6.94 20.69 9.11
CA ILE D 77 6.25 21.38 8.02
C ILE D 77 6.81 22.80 7.89
N GLU D 78 7.46 23.09 6.77
CA GLU D 78 8.05 24.40 6.53
C GLU D 78 7.02 25.35 5.96
N ILE D 79 6.57 26.31 6.76
CA ILE D 79 5.63 27.32 6.27
C ILE D 79 6.19 28.04 5.06
N SER D 80 5.45 27.99 3.95
CA SER D 80 5.88 28.66 2.75
C SER D 80 5.12 29.95 2.60
N SER D 81 3.88 29.97 3.10
CA SER D 81 3.03 31.14 3.01
C SER D 81 2.02 31.14 4.13
N TRP D 82 1.66 32.33 4.61
CA TRP D 82 0.76 32.45 5.75
C TRP D 82 -0.04 33.73 5.64
N MET D 83 -1.35 33.64 5.85
CA MET D 83 -2.24 34.75 5.54
C MET D 83 -2.85 35.39 6.77
N VAL D 84 -2.43 34.94 7.96
CA VAL D 84 -2.97 35.47 9.21
C VAL D 84 -1.91 36.17 10.07
C1 EDO E . -2.39 -24.12 3.61
O1 EDO E . -2.22 -25.54 3.61
C2 EDO E . -2.35 -23.59 2.18
O2 EDO E . -2.89 -22.27 2.14
C1 EDO F . 9.82 12.29 2.71
O1 EDO F . 10.16 12.87 1.44
C2 EDO F . 9.31 13.41 3.60
O2 EDO F . 8.74 14.42 2.76
C1 EDO G . -0.51 3.25 -8.62
O1 EDO G . 0.50 3.97 -9.35
C2 EDO G . -1.81 3.32 -9.40
O2 EDO G . -1.50 3.22 -10.80
C1 EDO H . -5.34 10.36 -4.64
O1 EDO H . -5.74 10.12 -5.98
C2 EDO H . -6.13 9.43 -3.72
O2 EDO H . -7.53 9.54 -4.02
#